data_5I3P
#
_entry.id   5I3P
#
_cell.length_a   161.364
_cell.length_b   176.111
_cell.length_c   57.913
_cell.angle_alpha   90.000
_cell.angle_beta   90.000
_cell.angle_gamma   90.000
#
_symmetry.space_group_name_H-M   'C 2 2 21'
#
loop_
_entity.id
_entity.type
_entity.pdbx_description
1 polymer 'Genome polyprotein'
2 non-polymer 'ZINC ION'
3 non-polymer 5-[5-(3-hydroxyprop-1-yn-1-yl)thiophen-2-yl]-2,4-dimethoxy-N-[(3-methoxyphenyl)sulfonyl]benzamide
4 water water
#
_entity_poly.entity_id   1
_entity_poly.type   'polypeptide(L)'
_entity_poly.pdbx_seq_one_letter_code
;GSHMLDNMDVIGERIKRIKEEHNSTWHYDDENPYKTWAYHGSYEVKATGSASSMINGVVKLLTKPWDVVPMVTQMAMTDT
TPFGQQRVFKEKVDTRTPRPLPGTRKVMEITAEWLWRTLGRNKRPRLCTREEFTKKVRTNAAMGAVFTEENQWDSAKAAV
EDEEFWKLVDRERELHKLGKCGSCVYNMMGKREKKLGEFGKAKGSRAIWYMWLGVRYLEFEALGFLNEDHWFSRENSYSG
VEGEGLHKLGYILRDISKIPGGAMYADDTAGWDTRITEDDLHNEEKIIQQMDPEHRQLANAIFKLTYQNKVVKVQRPTPT
GTVMDIISRKDQRGSGQVGTYGLNTFTNMEAQLVRQMEGEGVLTKADLENPHLLEKKITQWLETKGVERLKRMAISGDDC
VVKPIDDRFANALLALNDMGKVRKDIPQWQPSKGWHDWQQVPFCSHHFHELIMKDGRKLVVPCRPQDELIGRARISQGAG
WSLRETACLGKAYAQMWSLMYFHRRDLRLASNAICSAVPVHWVPTSRTTWSIHAHHQWMTTEDMLTVWNRVWIEENPWME
DKTPVTTWENVPYLGKREDQWCGSLIGLTSRATWAQNIPTAIQQVRSLIGNEEFLDYMPSMKRFRKEEESEGAIW
;
_entity_poly.pdbx_strand_id   A
#
# COMPACT_ATOMS: atom_id res chain seq x y z
N ASN A 7 -14.82 3.67 28.26
CA ASN A 7 -13.75 3.82 27.26
C ASN A 7 -12.48 4.50 27.84
N MET A 8 -12.65 5.38 28.87
CA MET A 8 -11.53 6.06 29.54
C MET A 8 -10.57 5.10 30.28
N ASP A 9 -11.03 3.88 30.62
CA ASP A 9 -10.22 2.88 31.30
C ASP A 9 -9.06 2.34 30.46
N VAL A 10 -9.12 2.50 29.11
CA VAL A 10 -8.10 2.02 28.17
C VAL A 10 -7.20 3.17 27.66
N ILE A 11 -7.83 4.33 27.36
CA ILE A 11 -7.18 5.50 26.77
C ILE A 11 -6.70 6.55 27.81
N GLY A 12 -7.26 6.53 29.02
CA GLY A 12 -6.94 7.48 30.09
C GLY A 12 -5.49 7.80 30.38
N GLU A 13 -4.66 6.78 30.61
CA GLU A 13 -3.25 6.92 30.91
C GLU A 13 -2.49 7.69 29.81
N ARG A 14 -2.78 7.41 28.50
CA ARG A 14 -2.13 8.10 27.39
C ARG A 14 -2.47 9.59 27.36
N ILE A 15 -3.77 9.92 27.57
CA ILE A 15 -4.28 11.30 27.58
C ILE A 15 -3.69 12.07 28.77
N LYS A 16 -3.72 11.45 29.99
CA LYS A 16 -3.11 11.99 31.23
C LYS A 16 -1.63 12.38 30.99
N ARG A 17 -0.85 11.55 30.28
CA ARG A 17 0.55 11.85 29.99
C ARG A 17 0.72 13.06 29.08
N ILE A 18 -0.03 13.12 27.96
CA ILE A 18 0.00 14.24 27.00
C ILE A 18 -0.46 15.55 27.73
N LYS A 19 -1.56 15.45 28.49
CA LYS A 19 -2.17 16.51 29.32
C LYS A 19 -1.13 17.13 30.26
N GLU A 20 -0.40 16.28 31.01
CA GLU A 20 0.64 16.65 31.97
C GLU A 20 1.84 17.29 31.27
N GLU A 21 2.34 16.65 30.19
CA GLU A 21 3.48 17.11 29.41
C GLU A 21 3.24 18.51 28.80
N HIS A 22 2.00 18.82 28.41
CA HIS A 22 1.65 20.11 27.80
C HIS A 22 0.71 20.94 28.71
N ASN A 23 1.00 20.95 30.03
CA ASN A 23 0.21 21.66 31.03
C ASN A 23 0.13 23.18 30.83
N SER A 24 1.16 23.78 30.21
CA SER A 24 1.21 25.23 29.94
C SER A 24 0.13 25.64 28.93
N THR A 25 -0.04 24.87 27.84
CA THR A 25 -0.97 25.20 26.74
C THR A 25 -2.24 24.31 26.61
N TRP A 26 -2.40 23.27 27.49
CA TRP A 26 -3.57 22.37 27.42
C TRP A 26 -4.92 23.09 27.65
N HIS A 27 -5.83 22.94 26.69
CA HIS A 27 -7.18 23.53 26.73
C HIS A 27 -8.17 22.69 25.94
N TYR A 28 -9.47 22.86 26.25
CA TYR A 28 -10.56 22.19 25.57
C TYR A 28 -11.18 23.14 24.55
N ASP A 29 -10.65 23.11 23.31
CA ASP A 29 -11.15 23.93 22.21
C ASP A 29 -12.57 23.47 21.89
N ASP A 30 -13.52 24.41 22.02
CA ASP A 30 -14.96 24.19 21.83
C ASP A 30 -15.38 24.34 20.35
N GLU A 31 -14.46 24.84 19.51
CA GLU A 31 -14.67 25.04 18.07
C GLU A 31 -14.06 23.86 17.26
N ASN A 32 -13.85 22.72 17.93
CA ASN A 32 -13.26 21.50 17.33
C ASN A 32 -14.22 20.90 16.29
N PRO A 33 -13.70 20.37 15.16
CA PRO A 33 -14.60 19.86 14.12
C PRO A 33 -14.98 18.39 14.20
N TYR A 34 -14.52 17.64 15.22
CA TYR A 34 -14.76 16.20 15.38
C TYR A 34 -16.22 15.90 15.67
N LYS A 35 -16.81 15.03 14.82
CA LYS A 35 -18.21 14.61 14.88
C LYS A 35 -18.37 13.16 15.27
N THR A 36 -17.51 12.26 14.75
CA THR A 36 -17.57 10.81 15.03
C THR A 36 -16.41 10.36 15.97
N TRP A 37 -15.32 11.16 16.01
CA TRP A 37 -14.18 10.95 16.88
C TRP A 37 -14.41 11.66 18.21
N ALA A 38 -14.04 11.01 19.32
CA ALA A 38 -14.13 11.60 20.67
C ALA A 38 -12.95 12.54 20.84
N TYR A 39 -13.24 13.81 21.17
CA TYR A 39 -12.25 14.87 21.36
C TYR A 39 -11.95 15.06 22.84
N HIS A 40 -10.66 15.03 23.21
CA HIS A 40 -10.23 15.11 24.60
C HIS A 40 -9.61 16.46 24.97
N GLY A 41 -8.95 17.11 24.00
CA GLY A 41 -8.34 18.41 24.18
C GLY A 41 -7.25 18.73 23.19
N SER A 42 -6.76 19.97 23.24
CA SER A 42 -5.70 20.49 22.38
C SER A 42 -4.57 21.16 23.17
N TYR A 43 -3.45 21.41 22.50
CA TYR A 43 -2.26 22.09 23.00
C TYR A 43 -1.53 22.70 21.79
N GLU A 44 -0.65 23.68 22.01
CA GLU A 44 0.07 24.33 20.91
C GLU A 44 1.21 23.52 20.32
N VAL A 45 1.35 23.57 18.99
CA VAL A 45 2.43 22.94 18.23
C VAL A 45 2.96 23.87 17.15
N LYS A 46 4.15 23.54 16.61
CA LYS A 46 4.76 24.24 15.49
C LYS A 46 4.24 23.49 14.25
N ALA A 47 3.68 24.21 13.25
CA ALA A 47 3.12 23.59 12.04
C ALA A 47 4.13 22.80 11.20
N THR A 48 3.77 21.55 10.87
CA THR A 48 4.56 20.63 10.07
C THR A 48 3.92 20.57 8.65
N GLY A 49 4.74 20.26 7.65
CA GLY A 49 4.28 20.09 6.26
C GLY A 49 4.69 21.14 5.24
N SER A 50 4.25 20.92 3.99
CA SER A 50 4.47 21.80 2.84
C SER A 50 3.18 21.85 1.99
N ALA A 51 2.87 23.01 1.38
CA ALA A 51 1.68 23.14 0.55
C ALA A 51 1.86 22.46 -0.84
N SER A 52 3.09 22.50 -1.37
CA SER A 52 3.50 21.90 -2.65
C SER A 52 4.49 20.75 -2.37
N SER A 53 5.12 20.21 -3.42
CA SER A 53 6.15 19.16 -3.33
C SER A 53 7.43 19.60 -4.08
N MET A 54 8.62 19.25 -3.52
CA MET A 54 9.91 19.58 -4.12
C MET A 54 10.09 18.87 -5.45
N ILE A 55 10.54 19.62 -6.46
CA ILE A 55 10.74 19.13 -7.82
C ILE A 55 12.17 18.67 -8.07
N ASN A 56 12.30 17.51 -8.71
CA ASN A 56 13.57 16.94 -9.11
C ASN A 56 13.91 17.62 -10.43
N GLY A 57 14.88 18.52 -10.39
CA GLY A 57 15.32 19.28 -11.56
C GLY A 57 16.05 18.49 -12.61
N VAL A 58 16.58 17.30 -12.26
CA VAL A 58 17.30 16.43 -13.21
C VAL A 58 16.28 15.79 -14.13
N VAL A 59 15.20 15.27 -13.55
CA VAL A 59 14.11 14.60 -14.28
C VAL A 59 13.32 15.64 -15.05
N LYS A 60 12.99 16.76 -14.41
CA LYS A 60 12.26 17.88 -15.03
C LYS A 60 12.96 18.40 -16.31
N LEU A 61 14.30 18.56 -16.27
CA LEU A 61 15.05 19.03 -17.43
C LEU A 61 15.02 18.07 -18.62
N LEU A 62 14.92 16.76 -18.33
CA LEU A 62 14.94 15.71 -19.35
C LEU A 62 13.50 15.25 -19.74
N THR A 63 12.46 15.89 -19.18
CA THR A 63 11.05 15.58 -19.49
C THR A 63 10.28 16.88 -19.84
N LYS A 64 10.88 17.76 -20.66
CA LYS A 64 10.30 19.07 -21.09
C LYS A 64 8.86 19.00 -21.60
N PRO A 65 8.49 18.07 -22.54
CA PRO A 65 7.10 18.00 -23.00
C PRO A 65 6.06 17.77 -21.91
N TRP A 66 6.48 17.38 -20.71
CA TRP A 66 5.58 17.12 -19.59
C TRP A 66 5.46 18.28 -18.65
N ASP A 67 6.22 19.38 -18.88
CA ASP A 67 6.15 20.61 -18.08
C ASP A 67 4.73 21.19 -18.19
N VAL A 68 4.08 20.99 -19.36
CA VAL A 68 2.72 21.47 -19.66
C VAL A 68 1.59 20.44 -19.36
N VAL A 69 1.89 19.18 -19.00
CA VAL A 69 0.87 18.14 -18.80
C VAL A 69 0.14 18.30 -17.42
N PRO A 70 -1.21 18.48 -17.44
CA PRO A 70 -1.99 18.68 -16.20
C PRO A 70 -1.79 17.67 -15.08
N MET A 71 -1.80 16.34 -15.38
CA MET A 71 -1.57 15.32 -14.33
C MET A 71 -0.19 15.45 -13.70
N VAL A 72 0.84 15.78 -14.50
CA VAL A 72 2.22 15.99 -14.01
C VAL A 72 2.26 17.18 -13.02
N THR A 73 1.68 18.34 -13.38
CA THR A 73 1.58 19.51 -12.50
C THR A 73 0.82 19.20 -11.18
N GLN A 74 -0.35 18.53 -11.26
CA GLN A 74 -1.16 18.15 -10.09
C GLN A 74 -0.36 17.38 -9.01
N MET A 75 0.43 16.38 -9.42
CA MET A 75 1.27 15.58 -8.52
C MET A 75 2.28 16.43 -7.74
N ALA A 76 2.86 17.47 -8.41
CA ALA A 76 3.82 18.43 -7.87
C ALA A 76 3.26 19.28 -6.71
N MET A 77 1.94 19.14 -6.44
CA MET A 77 1.25 19.86 -5.37
C MET A 77 1.19 18.98 -4.14
N THR A 78 -0.02 18.60 -3.65
CA THR A 78 -0.26 17.77 -2.45
C THR A 78 0.18 18.53 -1.16
N ASP A 79 -0.82 18.89 -0.32
CA ASP A 79 -0.67 19.65 0.92
C ASP A 79 -0.62 18.79 2.21
N THR A 80 0.53 18.87 2.92
CA THR A 80 0.78 18.17 4.19
C THR A 80 0.70 19.10 5.43
N THR A 81 0.41 20.40 5.21
CA THR A 81 0.27 21.41 6.28
C THR A 81 -1.02 21.14 7.11
N PRO A 82 -1.14 21.69 8.37
CA PRO A 82 -2.37 21.49 9.16
C PRO A 82 -3.68 21.78 8.43
N PHE A 83 -3.66 22.65 7.39
CA PHE A 83 -4.84 22.95 6.57
C PHE A 83 -5.22 21.72 5.75
N GLY A 84 -4.27 21.24 4.94
CA GLY A 84 -4.42 20.06 4.10
C GLY A 84 -4.81 18.84 4.90
N GLN A 85 -4.16 18.68 6.07
CA GLN A 85 -4.35 17.63 7.08
C GLN A 85 -5.80 17.61 7.63
N GLN A 86 -6.37 18.80 7.91
CA GLN A 86 -7.74 18.93 8.41
C GLN A 86 -8.81 18.58 7.35
N ARG A 87 -8.55 18.98 6.09
CA ARG A 87 -9.46 18.79 4.96
C ARG A 87 -9.56 17.34 4.52
N VAL A 88 -8.44 16.60 4.56
CA VAL A 88 -8.36 15.16 4.25
C VAL A 88 -9.16 14.41 5.34
N PHE A 89 -9.00 14.83 6.61
CA PHE A 89 -9.69 14.26 7.76
C PHE A 89 -11.21 14.44 7.62
N LYS A 90 -11.65 15.69 7.32
CA LYS A 90 -13.05 16.09 7.12
C LYS A 90 -13.74 15.26 6.03
N GLU A 91 -13.14 15.24 4.82
CA GLU A 91 -13.60 14.55 3.61
C GLU A 91 -13.83 13.02 3.77
N LYS A 92 -12.89 12.32 4.46
CA LYS A 92 -12.93 10.86 4.61
C LYS A 92 -13.19 10.29 6.03
N VAL A 93 -12.21 10.53 6.92
CA VAL A 93 -12.02 9.98 8.26
C VAL A 93 -13.13 10.29 9.31
N ASP A 94 -13.94 11.35 9.13
CA ASP A 94 -14.94 11.65 10.16
C ASP A 94 -16.35 11.13 9.81
N THR A 95 -16.41 9.80 9.57
CA THR A 95 -17.63 9.07 9.23
C THR A 95 -17.87 7.96 10.23
N ARG A 96 -19.06 7.41 10.17
CA ARG A 96 -19.53 6.31 10.97
C ARG A 96 -20.11 5.26 9.99
N THR A 97 -19.73 3.99 10.15
CA THR A 97 -20.23 2.91 9.32
C THR A 97 -21.39 2.30 10.08
N PRO A 98 -22.59 2.13 9.48
CA PRO A 98 -23.71 1.52 10.23
C PRO A 98 -23.38 0.06 10.51
N ARG A 99 -23.74 -0.43 11.70
CA ARG A 99 -23.48 -1.80 12.08
C ARG A 99 -24.13 -2.83 11.14
N PRO A 100 -23.32 -3.79 10.66
CA PRO A 100 -23.88 -4.87 9.81
C PRO A 100 -25.00 -5.64 10.55
N LEU A 101 -25.96 -6.13 9.82
CA LEU A 101 -27.11 -6.90 10.29
C LEU A 101 -26.67 -8.16 11.06
N PRO A 102 -27.55 -8.79 11.90
CA PRO A 102 -27.12 -9.97 12.66
C PRO A 102 -26.68 -11.18 11.85
N GLY A 103 -27.34 -11.45 10.71
CA GLY A 103 -26.97 -12.57 9.83
C GLY A 103 -25.64 -12.35 9.14
N THR A 104 -25.40 -11.09 8.69
CA THR A 104 -24.11 -10.68 8.10
C THR A 104 -22.97 -10.93 9.10
N ARG A 105 -23.17 -10.56 10.38
CA ARG A 105 -22.19 -10.76 11.48
C ARG A 105 -21.89 -12.22 11.72
N LYS A 106 -22.94 -13.07 11.74
CA LYS A 106 -22.84 -14.52 11.82
C LYS A 106 -21.98 -15.10 10.67
N VAL A 107 -22.32 -14.80 9.38
CA VAL A 107 -21.56 -15.27 8.19
C VAL A 107 -20.10 -14.82 8.27
N MET A 108 -19.86 -13.53 8.61
CA MET A 108 -18.50 -12.97 8.71
C MET A 108 -17.66 -13.72 9.72
N GLU A 109 -18.25 -14.04 10.88
CA GLU A 109 -17.62 -14.75 11.98
C GLU A 109 -17.25 -16.16 11.60
N ILE A 110 -18.14 -16.86 10.89
CA ILE A 110 -17.88 -18.22 10.43
C ILE A 110 -16.74 -18.24 9.39
N THR A 111 -16.74 -17.27 8.44
CA THR A 111 -15.74 -17.17 7.37
C THR A 111 -14.38 -16.78 7.96
N ALA A 112 -14.38 -15.90 9.00
CA ALA A 112 -13.17 -15.46 9.70
C ALA A 112 -12.49 -16.67 10.40
N GLU A 113 -13.27 -17.51 11.15
CA GLU A 113 -12.72 -18.70 11.83
C GLU A 113 -12.07 -19.65 10.85
N TRP A 114 -12.78 -19.96 9.78
CA TRP A 114 -12.32 -20.86 8.72
C TRP A 114 -11.08 -20.31 8.00
N LEU A 115 -11.09 -18.99 7.71
CA LEU A 115 -9.98 -18.36 6.98
C LEU A 115 -8.71 -18.35 7.82
N TRP A 116 -8.84 -18.05 9.10
CA TRP A 116 -7.73 -18.11 10.05
C TRP A 116 -7.16 -19.55 10.20
N ARG A 117 -8.03 -20.60 10.29
CA ARG A 117 -7.55 -21.99 10.36
C ARG A 117 -6.81 -22.37 9.07
N THR A 118 -7.31 -21.90 7.89
CA THR A 118 -6.66 -22.16 6.61
C THR A 118 -5.27 -21.50 6.54
N LEU A 119 -5.20 -20.21 6.89
CA LEU A 119 -3.95 -19.44 6.81
C LEU A 119 -2.85 -19.96 7.73
N GLY A 120 -3.24 -20.55 8.85
CA GLY A 120 -2.32 -21.11 9.83
C GLY A 120 -2.19 -22.63 9.81
N ARG A 121 -2.63 -23.28 8.71
CA ARG A 121 -2.58 -24.73 8.55
C ARG A 121 -1.09 -25.29 8.53
N ASN A 122 -0.10 -24.50 8.06
CA ASN A 122 1.34 -24.86 8.02
C ASN A 122 2.18 -23.88 8.82
N LYS A 123 1.67 -22.70 9.08
CA LYS A 123 2.43 -21.70 9.82
C LYS A 123 1.90 -21.53 11.23
N ARG A 124 2.79 -21.24 12.14
CA ARG A 124 2.46 -21.02 13.52
C ARG A 124 2.80 -19.57 13.85
N PRO A 125 1.90 -18.78 14.49
CA PRO A 125 2.28 -17.41 14.87
C PRO A 125 3.46 -17.43 15.83
N ARG A 126 4.28 -16.34 15.79
CA ARG A 126 5.45 -16.17 16.64
C ARG A 126 5.74 -14.68 16.86
N LEU A 127 6.55 -14.36 17.89
CA LEU A 127 6.93 -13.00 18.21
C LEU A 127 8.08 -12.59 17.29
N CYS A 128 8.11 -11.31 16.93
CA CYS A 128 9.22 -10.80 16.14
C CYS A 128 10.10 -10.09 17.14
N THR A 129 11.37 -9.94 16.79
CA THR A 129 12.40 -9.49 17.70
C THR A 129 12.94 -8.09 17.46
N ARG A 130 13.77 -7.63 18.43
CA ARG A 130 14.50 -6.37 18.44
C ARG A 130 15.53 -6.39 17.31
N GLU A 131 16.19 -7.54 17.10
CA GLU A 131 17.22 -7.73 16.07
C GLU A 131 16.63 -7.79 14.66
N GLU A 132 15.37 -8.26 14.54
CA GLU A 132 14.65 -8.26 13.25
C GLU A 132 14.31 -6.81 12.91
N PHE A 133 13.76 -6.07 13.89
CA PHE A 133 13.38 -4.67 13.77
C PHE A 133 14.61 -3.79 13.49
N THR A 134 15.77 -4.15 14.10
CA THR A 134 17.05 -3.48 13.95
C THR A 134 17.55 -3.65 12.51
N LYS A 135 17.59 -4.91 12.00
CA LYS A 135 18.01 -5.24 10.64
C LYS A 135 17.12 -4.52 9.60
N LYS A 136 15.80 -4.49 9.82
CA LYS A 136 14.84 -3.81 8.93
C LYS A 136 15.11 -2.31 8.85
N VAL A 137 15.31 -1.64 10.00
CA VAL A 137 15.61 -0.20 10.08
C VAL A 137 16.94 0.10 9.36
N ARG A 138 17.97 -0.74 9.61
CA ARG A 138 19.31 -0.66 9.04
C ARG A 138 19.30 -0.86 7.52
N THR A 139 18.61 -1.92 7.03
CA THR A 139 18.54 -2.24 5.59
C THR A 139 17.45 -1.41 4.88
N ASN A 140 17.16 -0.22 5.41
CA ASN A 140 16.20 0.73 4.86
C ASN A 140 16.89 2.11 4.82
N ALA A 141 17.56 2.48 5.94
CA ALA A 141 18.31 3.73 6.16
C ALA A 141 19.45 3.92 5.14
N ALA A 142 20.04 2.80 4.68
CA ALA A 142 21.11 2.78 3.68
C ALA A 142 20.68 2.03 2.42
N ASP A 154 17.94 7.93 8.39
CA ASP A 154 16.86 8.30 9.31
C ASP A 154 17.28 8.12 10.78
N SER A 155 16.72 8.99 11.68
CA SER A 155 16.95 8.97 13.12
C SER A 155 16.45 7.69 13.82
N ALA A 156 15.87 6.76 13.03
CA ALA A 156 15.41 5.46 13.48
C ALA A 156 16.63 4.55 13.74
N LYS A 157 17.69 4.64 12.89
CA LYS A 157 18.94 3.88 13.04
C LYS A 157 19.70 4.35 14.29
N ALA A 158 19.54 5.64 14.67
CA ALA A 158 20.14 6.23 15.86
C ALA A 158 19.46 5.69 17.13
N ALA A 159 18.11 5.49 17.08
CA ALA A 159 17.29 5.01 18.18
C ALA A 159 17.55 3.54 18.43
N VAL A 160 17.58 2.75 17.35
CA VAL A 160 17.82 1.30 17.35
C VAL A 160 19.20 0.96 17.99
N GLU A 161 20.20 1.85 17.79
CA GLU A 161 21.57 1.79 18.30
C GLU A 161 21.65 2.32 19.74
N ASP A 162 20.61 3.02 20.21
CA ASP A 162 20.56 3.56 21.59
C ASP A 162 19.88 2.54 22.50
N GLU A 163 20.57 2.15 23.60
CA GLU A 163 20.06 1.20 24.59
C GLU A 163 18.90 1.74 25.41
N GLU A 164 18.85 3.06 25.60
CA GLU A 164 17.81 3.73 26.36
C GLU A 164 16.46 3.68 25.68
N PHE A 165 16.46 3.47 24.35
CA PHE A 165 15.26 3.30 23.53
C PHE A 165 14.63 1.95 23.88
N TRP A 166 15.45 0.88 23.89
CA TRP A 166 15.02 -0.47 24.21
C TRP A 166 14.51 -0.58 25.66
N LYS A 167 15.02 0.26 26.57
CA LYS A 167 14.60 0.32 27.98
C LYS A 167 13.18 0.91 28.10
N LEU A 168 12.84 1.89 27.25
CA LEU A 168 11.50 2.48 27.18
C LEU A 168 10.52 1.42 26.66
N VAL A 169 10.97 0.62 25.67
CA VAL A 169 10.25 -0.47 25.01
C VAL A 169 9.86 -1.52 26.04
N ASP A 170 10.81 -1.89 26.94
CA ASP A 170 10.54 -2.87 28.00
C ASP A 170 9.57 -2.35 29.02
N ARG A 171 9.61 -1.02 29.30
CA ARG A 171 8.71 -0.39 30.26
C ARG A 171 7.30 -0.39 29.76
N GLU A 172 7.13 -0.04 28.47
CA GLU A 172 5.84 -0.03 27.77
C GLU A 172 5.30 -1.44 27.70
N ARG A 173 6.13 -2.42 27.29
CA ARG A 173 5.72 -3.83 27.23
C ARG A 173 5.21 -4.34 28.59
N GLU A 174 5.84 -3.94 29.72
CA GLU A 174 5.37 -4.33 31.06
C GLU A 174 3.96 -3.83 31.33
N LEU A 175 3.67 -2.57 30.91
CA LEU A 175 2.33 -1.99 30.98
C LEU A 175 1.37 -2.82 30.10
N HIS A 176 1.79 -3.18 28.86
CA HIS A 176 0.99 -4.02 27.95
C HIS A 176 0.64 -5.39 28.54
N LYS A 177 1.57 -6.01 29.32
CA LYS A 177 1.40 -7.31 30.01
C LYS A 177 0.39 -7.17 31.13
N LEU A 178 0.24 -5.94 31.66
CA LEU A 178 -0.73 -5.58 32.72
C LEU A 178 -2.04 -5.04 32.09
N GLY A 179 -2.11 -5.08 30.75
CA GLY A 179 -3.28 -4.64 29.99
C GLY A 179 -3.49 -3.14 30.03
N LYS A 180 -2.38 -2.41 30.14
CA LYS A 180 -2.31 -0.96 30.23
C LYS A 180 -1.44 -0.40 29.11
N CYS A 181 -1.65 0.85 28.76
CA CYS A 181 -0.87 1.51 27.71
C CYS A 181 -0.55 2.93 28.17
N GLY A 182 0.71 3.30 28.09
CA GLY A 182 1.09 4.64 28.50
C GLY A 182 1.53 5.57 27.38
N SER A 183 2.12 5.03 26.30
CA SER A 183 2.68 5.86 25.25
C SER A 183 2.41 5.44 23.79
N CYS A 184 1.47 4.51 23.50
CA CYS A 184 1.25 4.14 22.08
C CYS A 184 0.14 4.98 21.43
N VAL A 185 0.54 6.10 20.82
CA VAL A 185 -0.33 7.10 20.20
C VAL A 185 -0.06 7.21 18.70
N TYR A 186 -1.13 7.05 17.90
CA TYR A 186 -1.08 7.13 16.43
C TYR A 186 -1.04 8.61 15.96
N ASN A 187 0.02 8.97 15.21
CA ASN A 187 0.20 10.33 14.69
C ASN A 187 -0.27 10.45 13.24
N MET A 188 -1.28 11.30 13.00
CA MET A 188 -1.87 11.55 11.67
C MET A 188 -0.91 12.29 10.78
N SER A 205 11.29 16.55 20.49
CA SER A 205 12.16 15.85 21.41
C SER A 205 12.44 14.39 20.97
N ARG A 206 13.49 13.77 21.53
CA ARG A 206 13.82 12.38 21.24
C ARG A 206 12.90 11.44 22.06
N ALA A 207 12.24 11.98 23.12
CA ALA A 207 11.32 11.25 23.99
C ALA A 207 10.05 10.84 23.22
N ILE A 208 9.39 11.82 22.56
CA ILE A 208 8.17 11.62 21.76
C ILE A 208 8.44 10.67 20.58
N TRP A 209 9.61 10.79 19.92
CA TRP A 209 10.03 9.96 18.79
C TRP A 209 10.31 8.51 19.24
N TYR A 210 10.92 8.34 20.44
CA TYR A 210 11.22 7.02 21.02
C TYR A 210 9.93 6.30 21.36
N MET A 211 8.90 7.09 21.75
CA MET A 211 7.55 6.60 22.08
C MET A 211 6.82 6.18 20.81
N TRP A 212 7.04 6.91 19.70
CA TRP A 212 6.47 6.58 18.41
C TRP A 212 7.12 5.29 17.85
N LEU A 213 8.46 5.25 17.73
CA LEU A 213 9.18 4.09 17.23
C LEU A 213 9.03 2.85 18.14
N GLY A 214 8.82 3.10 19.44
CA GLY A 214 8.60 2.08 20.46
C GLY A 214 7.24 1.42 20.28
N VAL A 215 6.21 2.25 19.98
CA VAL A 215 4.83 1.81 19.67
C VAL A 215 4.84 0.90 18.43
N ARG A 216 5.63 1.27 17.39
CA ARG A 216 5.78 0.49 16.14
C ARG A 216 6.56 -0.76 16.37
N TYR A 217 7.58 -0.73 17.27
CA TYR A 217 8.31 -1.98 17.58
C TYR A 217 7.36 -2.96 18.28
N LEU A 218 6.59 -2.49 19.26
CA LEU A 218 5.68 -3.35 20.03
C LEU A 218 4.63 -4.02 19.16
N GLU A 219 4.15 -3.27 18.15
CA GLU A 219 3.20 -3.74 17.16
C GLU A 219 3.89 -4.73 16.24
N PHE A 220 5.15 -4.44 15.86
CA PHE A 220 5.95 -5.33 15.03
C PHE A 220 6.23 -6.63 15.81
N GLU A 221 6.46 -6.54 17.10
CA GLU A 221 6.73 -7.68 17.99
C GLU A 221 5.56 -8.67 18.00
N ALA A 222 4.35 -8.16 18.28
CA ALA A 222 3.12 -8.94 18.34
C ALA A 222 2.48 -9.32 16.98
N LEU A 223 2.50 -8.43 15.99
CA LEU A 223 1.81 -8.75 14.72
C LEU A 223 2.66 -8.83 13.47
N GLY A 224 3.95 -8.59 13.59
CA GLY A 224 4.89 -8.58 12.47
C GLY A 224 4.99 -9.88 11.72
N PHE A 225 4.69 -11.00 12.37
CA PHE A 225 4.79 -12.35 11.79
C PHE A 225 4.00 -12.51 10.50
N LEU A 226 2.87 -11.82 10.40
CA LEU A 226 2.00 -11.85 9.21
C LEU A 226 2.73 -11.41 7.95
N ASN A 227 3.62 -10.41 8.07
CA ASN A 227 4.48 -9.85 7.03
C ASN A 227 5.77 -10.64 6.90
N GLU A 228 6.51 -10.84 8.03
CA GLU A 228 7.81 -11.53 8.06
C GLU A 228 7.75 -13.01 7.68
N ASP A 229 6.66 -13.70 8.05
CA ASP A 229 6.54 -15.13 7.74
C ASP A 229 5.60 -15.38 6.57
N HIS A 230 5.33 -14.31 5.79
CA HIS A 230 4.54 -14.27 4.57
C HIS A 230 3.22 -15.05 4.64
N TRP A 231 2.39 -14.72 5.61
CA TRP A 231 1.08 -15.35 5.73
C TRP A 231 0.16 -15.06 4.56
N PHE A 232 0.46 -14.00 3.78
CA PHE A 232 -0.39 -13.59 2.67
C PHE A 232 0.29 -13.76 1.32
N SER A 233 1.19 -14.73 1.28
CA SER A 233 1.82 -15.15 0.04
C SER A 233 0.74 -15.98 -0.70
N ARG A 234 0.87 -16.14 -2.01
CA ARG A 234 -0.09 -16.90 -2.81
C ARG A 234 -0.14 -18.38 -2.42
N GLU A 235 0.99 -18.97 -2.10
CA GLU A 235 1.09 -20.36 -1.68
C GLU A 235 0.33 -20.59 -0.36
N ASN A 236 0.44 -19.63 0.58
CA ASN A 236 -0.21 -19.77 1.88
C ASN A 236 -1.65 -19.28 1.96
N SER A 237 -2.01 -18.22 1.20
CA SER A 237 -3.37 -17.68 1.29
C SER A 237 -4.26 -17.95 0.11
N TYR A 238 -3.71 -18.52 -1.01
CA TYR A 238 -4.43 -18.76 -2.28
C TYR A 238 -4.78 -17.44 -3.01
N SER A 239 -5.46 -16.47 -2.34
CA SER A 239 -5.85 -15.19 -2.93
C SER A 239 -4.74 -14.15 -2.83
N GLY A 240 -3.88 -14.27 -1.82
CA GLY A 240 -2.85 -13.31 -1.54
C GLY A 240 -1.83 -13.21 -2.67
N VAL A 241 -1.03 -12.13 -2.63
CA VAL A 241 0.01 -11.83 -3.61
C VAL A 241 1.22 -11.19 -2.91
N GLU A 242 1.36 -11.33 -1.57
CA GLU A 242 2.48 -10.75 -0.82
C GLU A 242 3.79 -11.44 -1.22
N GLY A 243 4.79 -10.63 -1.52
CA GLY A 243 6.11 -11.13 -1.93
C GLY A 243 6.23 -11.44 -3.41
N GLU A 244 5.11 -11.34 -4.18
CA GLU A 244 5.12 -11.61 -5.63
C GLU A 244 5.83 -10.47 -6.40
N GLY A 245 5.39 -9.25 -6.21
CA GLY A 245 6.02 -8.14 -6.91
C GLY A 245 5.31 -7.80 -8.20
N LEU A 246 5.27 -6.49 -8.53
CA LEU A 246 4.57 -5.97 -9.70
C LEU A 246 4.71 -6.81 -10.96
N HIS A 247 5.95 -7.21 -11.31
CA HIS A 247 6.23 -8.00 -12.53
C HIS A 247 5.51 -9.36 -12.58
N LYS A 248 4.99 -9.84 -11.45
CA LYS A 248 4.27 -11.12 -11.33
C LYS A 248 2.75 -10.97 -11.24
N LEU A 249 2.25 -9.80 -10.85
CA LEU A 249 0.78 -9.63 -10.66
C LEU A 249 0.01 -9.87 -11.95
N GLY A 250 0.56 -9.46 -13.08
CA GLY A 250 -0.04 -9.64 -14.40
C GLY A 250 -0.22 -11.09 -14.76
N TYR A 251 0.81 -11.89 -14.50
CA TYR A 251 0.84 -13.33 -14.75
C TYR A 251 -0.15 -14.04 -13.87
N ILE A 252 -0.29 -13.61 -12.62
CA ILE A 252 -1.30 -14.15 -11.68
C ILE A 252 -2.70 -13.82 -12.25
N LEU A 253 -2.93 -12.58 -12.74
CA LEU A 253 -4.21 -12.18 -13.38
C LEU A 253 -4.51 -13.07 -14.61
N ARG A 254 -3.46 -13.33 -15.44
CA ARG A 254 -3.56 -14.24 -16.58
C ARG A 254 -3.89 -15.67 -16.16
N ASP A 255 -3.34 -16.16 -15.04
CA ASP A 255 -3.71 -17.50 -14.53
C ASP A 255 -5.14 -17.56 -13.99
N ILE A 256 -5.65 -16.50 -13.33
CA ILE A 256 -7.04 -16.45 -12.85
C ILE A 256 -8.02 -16.52 -14.05
N SER A 257 -7.66 -15.89 -15.19
CA SER A 257 -8.48 -15.89 -16.41
C SER A 257 -8.71 -17.28 -17.03
N LYS A 258 -7.82 -18.23 -16.73
CA LYS A 258 -7.90 -19.60 -17.25
C LYS A 258 -8.96 -20.42 -16.51
N ILE A 259 -9.42 -19.95 -15.33
CA ILE A 259 -10.40 -20.64 -14.53
C ILE A 259 -11.80 -20.42 -15.14
N PRO A 260 -12.61 -21.48 -15.35
CA PRO A 260 -13.99 -21.25 -15.85
C PRO A 260 -14.82 -20.37 -14.91
N GLY A 261 -15.72 -19.56 -15.47
CA GLY A 261 -16.61 -18.70 -14.70
C GLY A 261 -17.03 -17.46 -15.44
N GLY A 262 -17.53 -16.49 -14.68
CA GLY A 262 -17.98 -15.22 -15.23
C GLY A 262 -16.82 -14.28 -15.49
N ALA A 263 -17.12 -12.99 -15.58
CA ALA A 263 -16.15 -11.94 -15.83
C ALA A 263 -15.20 -11.78 -14.62
N MET A 264 -14.20 -10.92 -14.76
CA MET A 264 -13.30 -10.61 -13.68
C MET A 264 -13.73 -9.27 -13.11
N TYR A 265 -14.03 -9.27 -11.82
CA TYR A 265 -14.49 -8.07 -11.16
C TYR A 265 -13.38 -7.47 -10.32
N ALA A 266 -13.26 -6.15 -10.31
CA ALA A 266 -12.28 -5.44 -9.51
C ALA A 266 -12.91 -4.17 -8.97
N ASP A 267 -13.78 -4.33 -7.96
CA ASP A 267 -14.45 -3.16 -7.36
C ASP A 267 -13.67 -2.49 -6.27
N ASP A 268 -13.57 -1.18 -6.42
CA ASP A 268 -12.89 -0.27 -5.53
C ASP A 268 -13.86 0.12 -4.42
N THR A 269 -13.38 0.11 -3.16
CA THR A 269 -14.11 0.51 -1.94
C THR A 269 -13.72 1.97 -1.63
N ALA A 270 -14.72 2.78 -1.24
CA ALA A 270 -14.52 4.18 -0.88
C ALA A 270 -13.98 4.27 0.52
N GLY A 271 -12.67 4.51 0.61
CA GLY A 271 -11.97 4.63 1.89
C GLY A 271 -12.08 3.38 2.73
N TRP A 272 -11.46 2.27 2.24
CA TRP A 272 -11.47 0.97 2.91
C TRP A 272 -11.18 1.06 4.40
N ASP A 273 -10.07 1.76 4.79
CA ASP A 273 -9.64 1.89 6.19
C ASP A 273 -10.68 2.50 7.11
N THR A 274 -11.49 3.45 6.60
CA THR A 274 -12.56 4.08 7.38
C THR A 274 -13.77 3.14 7.50
N ARG A 275 -13.80 2.08 6.68
CA ARG A 275 -14.89 1.12 6.62
C ARG A 275 -14.67 -0.13 7.47
N ILE A 276 -13.53 -0.21 8.17
CA ILE A 276 -13.24 -1.32 9.05
C ILE A 276 -14.02 -1.08 10.34
N THR A 277 -14.98 -1.98 10.61
CA THR A 277 -15.90 -1.93 11.72
C THR A 277 -15.36 -2.64 12.96
N GLU A 278 -16.09 -2.53 14.10
CA GLU A 278 -15.76 -3.22 15.35
C GLU A 278 -15.88 -4.73 15.15
N ASP A 279 -16.85 -5.17 14.33
CA ASP A 279 -17.05 -6.57 14.00
C ASP A 279 -15.89 -7.07 13.15
N ASP A 280 -15.33 -6.22 12.28
CA ASP A 280 -14.14 -6.59 11.50
C ASP A 280 -12.97 -6.85 12.45
N LEU A 281 -12.69 -5.89 13.34
CA LEU A 281 -11.61 -5.95 14.32
C LEU A 281 -11.68 -7.18 15.23
N HIS A 282 -12.90 -7.56 15.64
CA HIS A 282 -13.10 -8.72 16.49
CA HIS A 282 -13.18 -8.74 16.48
C HIS A 282 -12.83 -10.02 15.72
N ASN A 283 -13.11 -10.04 14.39
CA ASN A 283 -12.85 -11.18 13.51
C ASN A 283 -11.36 -11.32 13.23
N GLU A 284 -10.69 -10.17 13.03
CA GLU A 284 -9.26 -10.10 12.76
C GLU A 284 -8.46 -10.64 13.96
N GLU A 285 -8.97 -10.43 15.19
CA GLU A 285 -8.26 -10.84 16.40
C GLU A 285 -8.40 -12.33 16.73
N LYS A 286 -9.18 -13.10 15.95
CA LYS A 286 -9.28 -14.56 16.16
C LYS A 286 -7.91 -15.23 15.95
N ILE A 287 -6.96 -14.51 15.31
CA ILE A 287 -5.60 -14.99 15.09
C ILE A 287 -4.89 -15.27 16.45
N ILE A 288 -5.27 -14.54 17.55
CA ILE A 288 -4.64 -14.68 18.89
C ILE A 288 -4.85 -16.10 19.48
N GLN A 289 -5.87 -16.84 19.02
CA GLN A 289 -6.16 -18.21 19.46
C GLN A 289 -5.09 -19.24 19.03
N GLN A 290 -4.26 -18.90 18.06
CA GLN A 290 -3.21 -19.80 17.52
C GLN A 290 -1.82 -19.51 18.08
N MET A 291 -1.74 -18.49 18.94
CA MET A 291 -0.51 -17.99 19.51
C MET A 291 -0.12 -18.67 20.82
N ASP A 292 1.18 -18.71 21.14
CA ASP A 292 1.71 -19.21 22.43
C ASP A 292 1.21 -18.21 23.49
N PRO A 293 1.00 -18.63 24.76
CA PRO A 293 0.42 -17.69 25.75
C PRO A 293 1.16 -16.35 25.95
N GLU A 294 2.50 -16.35 25.95
CA GLU A 294 3.29 -15.11 26.09
C GLU A 294 3.07 -14.19 24.86
N HIS A 295 2.93 -14.81 23.66
CA HIS A 295 2.64 -14.09 22.42
C HIS A 295 1.19 -13.55 22.43
N ARG A 296 0.20 -14.42 22.73
CA ARG A 296 -1.23 -14.06 22.80
C ARG A 296 -1.50 -12.78 23.65
N GLN A 297 -0.83 -12.69 24.80
CA GLN A 297 -0.89 -11.61 25.79
C GLN A 297 -0.52 -10.25 25.17
N LEU A 298 0.59 -10.21 24.41
CA LEU A 298 1.14 -9.03 23.77
C LEU A 298 0.31 -8.63 22.53
N ALA A 299 -0.16 -9.63 21.75
CA ALA A 299 -1.02 -9.41 20.58
C ALA A 299 -2.37 -8.87 21.05
N ASN A 300 -2.90 -9.44 22.15
CA ASN A 300 -4.16 -8.97 22.73
C ASN A 300 -4.02 -7.53 23.18
N ALA A 301 -2.87 -7.17 23.75
CA ALA A 301 -2.62 -5.81 24.19
C ALA A 301 -2.62 -4.88 22.99
N ILE A 302 -2.03 -5.29 21.84
CA ILE A 302 -2.05 -4.46 20.62
C ILE A 302 -3.47 -4.24 20.12
N PHE A 303 -4.27 -5.32 19.99
CA PHE A 303 -5.66 -5.26 19.52
C PHE A 303 -6.51 -4.38 20.39
N LYS A 304 -6.70 -4.77 21.64
CA LYS A 304 -7.53 -4.07 22.63
C LYS A 304 -7.10 -2.63 22.93
N LEU A 305 -5.79 -2.36 22.96
CA LEU A 305 -5.32 -1.02 23.35
C LEU A 305 -4.97 -0.07 22.22
N THR A 306 -4.55 -0.58 21.06
CA THR A 306 -4.12 0.30 19.96
C THR A 306 -4.91 0.11 18.64
N TYR A 307 -5.87 -0.85 18.59
CA TYR A 307 -6.71 -1.08 17.39
C TYR A 307 -8.19 -0.87 17.69
N GLN A 308 -8.72 -1.58 18.71
CA GLN A 308 -10.13 -1.51 19.12
C GLN A 308 -10.41 -0.27 19.97
N ASN A 309 -9.35 0.46 20.32
CA ASN A 309 -9.30 1.75 21.04
C ASN A 309 -8.04 2.39 20.53
N LYS A 310 -8.08 3.69 20.24
CA LYS A 310 -6.89 4.37 19.76
C LYS A 310 -6.88 5.80 20.14
N VAL A 311 -5.70 6.35 20.48
CA VAL A 311 -5.48 7.76 20.82
C VAL A 311 -4.73 8.36 19.66
N VAL A 312 -5.35 9.36 19.04
CA VAL A 312 -4.80 9.96 17.84
C VAL A 312 -4.49 11.46 18.04
N LYS A 313 -3.37 11.90 17.42
CA LYS A 313 -2.83 13.25 17.39
C LYS A 313 -3.01 13.79 15.97
N VAL A 314 -3.72 14.93 15.82
CA VAL A 314 -3.89 15.56 14.51
C VAL A 314 -3.74 17.10 14.62
N GLN A 315 -2.94 17.70 13.72
CA GLN A 315 -2.67 19.14 13.65
C GLN A 315 -3.84 19.92 13.04
N ARG A 316 -4.13 21.08 13.61
CA ARG A 316 -5.24 21.93 13.21
C ARG A 316 -4.88 23.43 13.23
N PRO A 317 -5.10 24.18 12.13
CA PRO A 317 -4.84 25.62 12.16
C PRO A 317 -6.01 26.36 12.81
N THR A 318 -5.71 27.26 13.74
CA THR A 318 -6.66 28.11 14.47
C THR A 318 -6.27 29.56 14.17
N PRO A 319 -7.11 30.59 14.44
CA PRO A 319 -6.68 31.99 14.19
C PRO A 319 -5.44 32.38 15.02
N THR A 320 -5.35 31.86 16.27
CA THR A 320 -4.24 32.07 17.21
C THR A 320 -2.92 31.41 16.78
N GLY A 321 -3.00 30.25 16.10
CA GLY A 321 -1.84 29.49 15.62
C GLY A 321 -2.14 28.03 15.31
N THR A 322 -1.16 27.13 15.50
CA THR A 322 -1.34 25.68 15.24
C THR A 322 -1.43 24.91 16.55
N VAL A 323 -2.42 24.01 16.61
CA VAL A 323 -2.70 23.16 17.77
C VAL A 323 -2.67 21.68 17.39
N MET A 324 -2.44 20.81 18.39
CA MET A 324 -2.50 19.37 18.24
C MET A 324 -3.74 18.90 18.97
N ASP A 325 -4.65 18.22 18.25
CA ASP A 325 -5.89 17.69 18.81
C ASP A 325 -5.69 16.26 19.25
N ILE A 326 -6.28 15.92 20.38
CA ILE A 326 -6.20 14.58 20.95
C ILE A 326 -7.57 13.97 20.83
N ILE A 327 -7.68 12.99 19.94
CA ILE A 327 -8.94 12.30 19.64
C ILE A 327 -8.82 10.82 19.84
N SER A 328 -9.97 10.14 19.85
CA SER A 328 -10.07 8.69 20.04
C SER A 328 -11.32 8.11 19.37
N ARG A 329 -11.32 6.78 19.10
CA ARG A 329 -12.45 6.03 18.52
C ARG A 329 -12.25 4.50 18.66
N LYS A 330 -13.34 3.72 18.51
CA LYS A 330 -13.25 2.28 18.73
C LYS A 330 -13.14 1.42 17.46
N ASP A 331 -13.21 2.05 16.27
CA ASP A 331 -13.11 1.35 14.99
C ASP A 331 -12.27 2.10 13.97
N GLN A 332 -12.32 1.66 12.71
CA GLN A 332 -11.51 2.16 11.61
C GLN A 332 -10.10 1.60 11.79
N ARG A 333 -9.34 1.59 10.71
CA ARG A 333 -7.96 1.13 10.66
C ARG A 333 -7.06 2.36 10.52
N GLY A 334 -5.94 2.35 11.23
CA GLY A 334 -4.90 3.36 11.08
C GLY A 334 -4.02 2.90 9.94
N SER A 335 -3.87 3.71 8.89
CA SER A 335 -3.06 3.37 7.70
C SER A 335 -1.58 3.11 8.01
N GLY A 336 -0.99 3.93 8.86
CA GLY A 336 0.42 3.82 9.19
C GLY A 336 0.65 2.85 10.34
N GLN A 337 0.38 1.56 10.09
CA GLN A 337 0.50 0.50 11.09
C GLN A 337 0.99 -0.78 10.44
N VAL A 338 1.78 -1.53 11.22
CA VAL A 338 2.44 -2.79 10.84
C VAL A 338 1.41 -3.84 10.34
N GLY A 339 0.34 -4.02 11.09
CA GLY A 339 -0.67 -5.02 10.74
C GLY A 339 -1.66 -4.66 9.66
N THR A 340 -1.68 -3.39 9.21
CA THR A 340 -2.62 -2.82 8.25
C THR A 340 -2.76 -3.64 6.96
N TYR A 341 -1.65 -3.93 6.25
CA TYR A 341 -1.70 -4.66 4.98
C TYR A 341 -2.34 -6.06 5.15
N GLY A 342 -1.80 -6.87 6.07
CA GLY A 342 -2.26 -8.22 6.39
C GLY A 342 -3.67 -8.32 6.89
N LEU A 343 -4.01 -7.48 7.88
CA LEU A 343 -5.40 -7.48 8.40
C LEU A 343 -6.41 -6.96 7.32
N ASN A 344 -6.00 -5.99 6.46
CA ASN A 344 -6.86 -5.54 5.34
C ASN A 344 -7.00 -6.66 4.32
N THR A 345 -5.92 -7.40 4.02
CA THR A 345 -5.95 -8.54 3.08
C THR A 345 -6.90 -9.64 3.61
N PHE A 346 -6.79 -9.95 4.90
CA PHE A 346 -7.64 -10.93 5.57
C PHE A 346 -9.13 -10.57 5.43
N THR A 347 -9.50 -9.33 5.82
CA THR A 347 -10.90 -8.87 5.81
C THR A 347 -11.45 -8.77 4.38
N ASN A 348 -10.65 -8.34 3.41
CA ASN A 348 -11.07 -8.33 2.00
C ASN A 348 -11.27 -9.79 1.46
N MET A 349 -10.38 -10.74 1.80
CA MET A 349 -10.53 -12.15 1.42
C MET A 349 -11.84 -12.70 1.97
N GLU A 350 -12.13 -12.40 3.24
CA GLU A 350 -13.36 -12.74 3.95
C GLU A 350 -14.59 -12.11 3.27
N ALA A 351 -14.58 -10.76 3.03
CA ALA A 351 -15.67 -10.02 2.38
C ALA A 351 -16.00 -10.53 0.94
N GLN A 352 -14.96 -10.94 0.20
CA GLN A 352 -15.14 -11.45 -1.16
C GLN A 352 -15.65 -12.89 -1.17
N LEU A 353 -15.36 -13.68 -0.13
CA LEU A 353 -15.91 -15.05 -0.07
C LEU A 353 -17.42 -14.98 0.21
N VAL A 354 -17.81 -14.04 1.12
CA VAL A 354 -19.22 -13.78 1.49
C VAL A 354 -19.99 -13.30 0.22
N ARG A 355 -19.41 -12.38 -0.55
CA ARG A 355 -20.05 -11.90 -1.78
C ARG A 355 -20.19 -13.05 -2.82
N GLN A 356 -19.21 -14.00 -2.88
CA GLN A 356 -19.28 -15.18 -3.75
C GLN A 356 -20.43 -16.12 -3.33
N MET A 357 -20.62 -16.31 -2.01
CA MET A 357 -21.71 -17.09 -1.40
C MET A 357 -23.05 -16.45 -1.80
N GLU A 358 -23.19 -15.11 -1.62
CA GLU A 358 -24.40 -14.38 -2.04
C GLU A 358 -24.66 -14.58 -3.56
N GLY A 359 -23.63 -14.44 -4.38
CA GLY A 359 -23.68 -14.65 -5.82
C GLY A 359 -24.17 -16.02 -6.22
N GLU A 360 -23.80 -17.05 -5.45
CA GLU A 360 -24.15 -18.46 -5.69
C GLU A 360 -25.48 -18.92 -5.08
N GLY A 361 -26.17 -18.05 -4.35
CA GLY A 361 -27.46 -18.39 -3.75
C GLY A 361 -27.39 -18.96 -2.34
N VAL A 362 -26.16 -19.14 -1.80
CA VAL A 362 -25.89 -19.66 -0.45
C VAL A 362 -26.36 -18.65 0.61
N LEU A 363 -26.28 -17.37 0.29
CA LEU A 363 -26.69 -16.31 1.19
C LEU A 363 -27.77 -15.51 0.56
N THR A 364 -28.89 -15.42 1.23
CA THR A 364 -30.06 -14.67 0.76
C THR A 364 -30.26 -13.42 1.63
N LYS A 365 -31.11 -12.50 1.17
CA LYS A 365 -31.50 -11.30 1.90
C LYS A 365 -32.03 -11.70 3.31
N ALA A 366 -32.91 -12.73 3.38
CA ALA A 366 -33.54 -13.21 4.63
C ALA A 366 -32.49 -13.73 5.61
N ASP A 367 -31.45 -14.40 5.11
CA ASP A 367 -30.34 -14.90 5.91
C ASP A 367 -29.57 -13.78 6.58
N LEU A 368 -29.35 -12.67 5.88
CA LEU A 368 -28.56 -11.55 6.36
C LEU A 368 -29.21 -10.81 7.48
N GLU A 369 -30.54 -10.79 7.50
CA GLU A 369 -31.35 -10.12 8.52
C GLU A 369 -31.57 -11.04 9.72
N ASN A 370 -31.42 -12.36 9.51
CA ASN A 370 -31.66 -13.44 10.46
C ASN A 370 -30.53 -13.69 11.48
N PRO A 371 -30.75 -13.45 12.79
CA PRO A 371 -29.69 -13.75 13.77
C PRO A 371 -29.47 -15.26 13.97
N HIS A 372 -30.55 -16.06 13.86
CA HIS A 372 -30.60 -17.52 14.02
C HIS A 372 -30.43 -18.28 12.67
N LEU A 373 -29.71 -17.65 11.73
CA LEU A 373 -29.35 -18.16 10.42
C LEU A 373 -28.56 -19.47 10.58
N LEU A 374 -28.81 -20.44 9.67
CA LEU A 374 -28.18 -21.77 9.69
C LEU A 374 -26.74 -21.71 9.27
N GLU A 375 -25.89 -22.14 10.19
CA GLU A 375 -24.45 -22.14 10.03
C GLU A 375 -23.96 -23.23 9.10
N LYS A 376 -24.73 -24.34 9.00
CA LYS A 376 -24.38 -25.54 8.23
C LYS A 376 -24.08 -25.30 6.77
N LYS A 377 -24.94 -24.57 6.04
CA LYS A 377 -24.72 -24.34 4.62
C LYS A 377 -23.50 -23.46 4.36
N ILE A 378 -23.19 -22.54 5.32
CA ILE A 378 -22.00 -21.68 5.22
C ILE A 378 -20.75 -22.55 5.40
N THR A 379 -20.79 -23.43 6.41
CA THR A 379 -19.74 -24.40 6.72
C THR A 379 -19.50 -25.35 5.56
N GLN A 380 -20.59 -25.95 5.04
CA GLN A 380 -20.59 -26.89 3.91
C GLN A 380 -19.93 -26.23 2.70
N TRP A 381 -20.33 -25.00 2.34
CA TRP A 381 -19.74 -24.24 1.24
C TRP A 381 -18.25 -23.94 1.50
N LEU A 382 -17.86 -23.52 2.70
CA LEU A 382 -16.44 -23.22 2.98
C LEU A 382 -15.54 -24.47 2.93
N GLU A 383 -16.05 -25.57 3.51
CA GLU A 383 -15.32 -26.83 3.54
C GLU A 383 -15.30 -27.54 2.18
N THR A 384 -16.29 -27.31 1.31
CA THR A 384 -16.29 -27.99 0.01
C THR A 384 -15.80 -27.15 -1.17
N LYS A 385 -16.04 -25.82 -1.14
CA LYS A 385 -15.72 -24.88 -2.22
C LYS A 385 -14.70 -23.77 -1.87
N GLY A 386 -14.57 -23.43 -0.59
CA GLY A 386 -13.71 -22.38 -0.04
C GLY A 386 -12.36 -22.11 -0.63
N VAL A 387 -11.47 -23.11 -0.70
CA VAL A 387 -10.11 -22.95 -1.26
C VAL A 387 -10.18 -22.67 -2.77
N GLU A 388 -11.08 -23.38 -3.49
CA GLU A 388 -11.28 -23.22 -4.92
C GLU A 388 -11.70 -21.77 -5.16
N ARG A 389 -12.63 -21.27 -4.33
CA ARG A 389 -13.14 -19.89 -4.40
C ARG A 389 -12.08 -18.81 -4.10
N LEU A 390 -11.14 -19.11 -3.18
CA LEU A 390 -10.02 -18.19 -2.90
C LEU A 390 -9.06 -18.14 -4.06
N LYS A 391 -8.89 -19.28 -4.80
CA LYS A 391 -8.01 -19.39 -5.98
C LYS A 391 -8.41 -18.47 -7.15
N ARG A 392 -9.68 -18.08 -7.19
CA ARG A 392 -10.35 -17.19 -8.17
C ARG A 392 -10.09 -15.71 -7.88
N MET A 393 -9.24 -15.42 -6.90
CA MET A 393 -9.03 -14.03 -6.45
C MET A 393 -7.59 -13.65 -6.37
N ALA A 394 -7.34 -12.34 -6.51
CA ALA A 394 -6.04 -11.71 -6.32
C ALA A 394 -6.36 -10.61 -5.33
N ILE A 395 -5.88 -10.74 -4.08
CA ILE A 395 -6.19 -9.72 -3.07
C ILE A 395 -4.91 -9.16 -2.43
N SER A 396 -4.78 -7.81 -2.45
CA SER A 396 -3.66 -7.09 -1.86
C SER A 396 -4.26 -5.90 -1.11
N GLY A 397 -4.44 -6.05 0.18
CA GLY A 397 -5.10 -5.03 0.99
C GLY A 397 -6.54 -4.87 0.56
N ASP A 398 -6.96 -3.63 0.31
CA ASP A 398 -8.29 -3.30 -0.19
C ASP A 398 -8.43 -3.58 -1.70
N ASP A 399 -7.29 -3.89 -2.38
CA ASP A 399 -7.29 -4.20 -3.81
C ASP A 399 -7.69 -5.65 -4.03
N CYS A 400 -8.66 -5.90 -4.92
CA CYS A 400 -9.16 -7.22 -5.25
C CYS A 400 -9.58 -7.38 -6.71
N VAL A 401 -9.44 -8.62 -7.20
CA VAL A 401 -9.89 -9.08 -8.50
C VAL A 401 -10.58 -10.40 -8.17
N VAL A 402 -11.82 -10.58 -8.61
CA VAL A 402 -12.54 -11.81 -8.31
C VAL A 402 -13.09 -12.39 -9.62
N LYS A 403 -12.81 -13.67 -9.94
CA LYS A 403 -13.45 -14.28 -11.12
C LYS A 403 -14.49 -15.29 -10.59
N PRO A 404 -15.75 -14.84 -10.30
CA PRO A 404 -16.75 -15.76 -9.72
C PRO A 404 -17.17 -16.91 -10.66
N ILE A 405 -17.91 -17.92 -10.15
CA ILE A 405 -18.30 -19.08 -10.99
C ILE A 405 -19.22 -18.67 -12.16
N ASP A 406 -19.93 -17.52 -12.02
CA ASP A 406 -20.83 -16.93 -13.03
C ASP A 406 -21.04 -15.42 -12.70
N ASP A 407 -21.89 -14.73 -13.49
CA ASP A 407 -22.11 -13.30 -13.37
C ASP A 407 -23.21 -12.87 -12.41
N ARG A 408 -23.82 -13.81 -11.67
CA ARG A 408 -24.80 -13.42 -10.64
C ARG A 408 -24.15 -12.49 -9.60
N PHE A 409 -22.80 -12.61 -9.42
CA PHE A 409 -21.88 -11.84 -8.56
C PHE A 409 -22.02 -10.34 -8.78
N ALA A 410 -22.15 -9.91 -10.07
CA ALA A 410 -22.35 -8.50 -10.42
C ALA A 410 -23.52 -7.87 -9.60
N ASN A 411 -24.57 -8.65 -9.33
CA ASN A 411 -25.77 -8.22 -8.59
C ASN A 411 -25.85 -8.66 -7.13
N ALA A 412 -24.82 -9.37 -6.63
CA ALA A 412 -24.76 -9.81 -5.24
C ALA A 412 -24.15 -8.67 -4.43
N LEU A 413 -24.99 -7.68 -4.07
CA LEU A 413 -24.57 -6.44 -3.37
C LEU A 413 -25.07 -6.23 -1.92
N LEU A 414 -25.98 -7.12 -1.44
CA LEU A 414 -26.56 -7.04 -0.11
C LEU A 414 -25.50 -7.11 0.98
N ALA A 415 -24.78 -8.26 1.08
CA ALA A 415 -23.70 -8.48 2.05
C ALA A 415 -22.59 -7.45 1.94
N LEU A 416 -22.08 -7.16 0.73
CA LEU A 416 -21.03 -6.18 0.49
C LEU A 416 -21.35 -4.80 1.08
N ASN A 417 -22.54 -4.26 0.79
CA ASN A 417 -22.97 -2.99 1.31
C ASN A 417 -23.22 -3.10 2.81
N ASP A 418 -23.80 -4.21 3.26
CA ASP A 418 -24.09 -4.37 4.68
C ASP A 418 -22.81 -4.47 5.56
N MET A 419 -21.78 -5.17 5.08
CA MET A 419 -20.51 -5.30 5.74
C MET A 419 -19.83 -3.92 5.85
N GLY A 420 -20.30 -2.97 5.04
CA GLY A 420 -19.83 -1.60 5.02
C GLY A 420 -18.85 -1.34 3.92
N LYS A 421 -18.61 -2.37 3.07
CA LYS A 421 -17.62 -2.23 1.99
C LYS A 421 -18.30 -1.67 0.71
N VAL A 422 -18.81 -0.45 0.88
CA VAL A 422 -19.51 0.31 -0.15
C VAL A 422 -18.52 0.69 -1.25
N ARG A 423 -18.87 0.36 -2.50
CA ARG A 423 -18.06 0.62 -3.69
C ARG A 423 -17.92 2.12 -4.01
N LYS A 424 -16.76 2.50 -4.50
CA LYS A 424 -16.44 3.87 -4.86
C LYS A 424 -17.11 4.25 -6.20
N ASP A 425 -17.69 5.47 -6.20
CA ASP A 425 -18.34 6.21 -7.32
C ASP A 425 -19.27 5.37 -8.18
N ILE A 426 -20.35 4.87 -7.58
CA ILE A 426 -21.38 4.05 -8.23
C ILE A 426 -22.56 3.98 -7.28
N PRO A 427 -23.82 4.17 -7.72
CA PRO A 427 -24.96 4.00 -6.80
C PRO A 427 -24.91 2.61 -6.12
N GLN A 428 -25.28 2.54 -4.85
CA GLN A 428 -25.20 1.32 -4.06
C GLN A 428 -25.74 0.07 -4.72
N TRP A 429 -26.86 0.18 -5.41
CA TRP A 429 -27.54 -0.99 -5.95
C TRP A 429 -27.36 -1.21 -7.41
N GLN A 430 -26.47 -0.42 -8.03
CA GLN A 430 -26.12 -0.58 -9.41
C GLN A 430 -25.19 -1.79 -9.57
N PRO A 431 -25.52 -2.75 -10.47
CA PRO A 431 -24.66 -3.93 -10.63
C PRO A 431 -23.25 -3.55 -11.05
N SER A 432 -22.30 -4.34 -10.54
CA SER A 432 -20.89 -4.17 -10.85
C SER A 432 -20.63 -4.49 -12.33
N LYS A 433 -19.68 -3.75 -12.89
CA LYS A 433 -19.29 -4.00 -14.26
C LYS A 433 -17.93 -4.72 -14.17
N GLY A 434 -17.86 -5.89 -14.79
CA GLY A 434 -16.65 -6.70 -14.87
C GLY A 434 -16.08 -6.79 -16.27
N TRP A 435 -14.87 -7.34 -16.40
CA TRP A 435 -14.13 -7.51 -17.65
C TRP A 435 -14.00 -8.92 -18.10
N HIS A 436 -14.16 -9.15 -19.42
CA HIS A 436 -13.98 -10.46 -20.04
C HIS A 436 -12.57 -10.64 -20.65
N ASP A 437 -11.66 -9.68 -20.35
CA ASP A 437 -10.25 -9.66 -20.76
CA ASP A 437 -10.26 -9.67 -20.77
C ASP A 437 -9.45 -9.19 -19.55
N TRP A 438 -8.56 -10.09 -19.03
CA TRP A 438 -7.72 -9.81 -17.86
C TRP A 438 -6.79 -8.60 -18.05
N GLN A 439 -6.47 -8.29 -19.31
CA GLN A 439 -5.63 -7.16 -19.71
C GLN A 439 -6.31 -5.84 -19.45
N GLN A 440 -7.65 -5.85 -19.24
CA GLN A 440 -8.39 -4.63 -18.97
C GLN A 440 -8.68 -4.47 -17.50
N VAL A 441 -8.35 -5.45 -16.69
CA VAL A 441 -8.64 -5.43 -15.26
C VAL A 441 -7.67 -4.50 -14.52
N PRO A 442 -8.20 -3.51 -13.74
CA PRO A 442 -7.34 -2.67 -12.91
C PRO A 442 -6.98 -3.39 -11.59
N PHE A 443 -5.69 -3.42 -11.24
CA PHE A 443 -5.23 -4.03 -9.98
C PHE A 443 -3.99 -3.35 -9.54
N CYS A 444 -3.98 -2.82 -8.30
CA CYS A 444 -2.85 -2.13 -7.67
C CYS A 444 -2.35 -0.92 -8.49
N SER A 445 -3.30 -0.14 -9.06
CA SER A 445 -3.05 1.08 -9.82
C SER A 445 -2.41 0.79 -11.17
N HIS A 446 -2.51 -0.48 -11.63
CA HIS A 446 -1.97 -0.90 -12.90
C HIS A 446 -2.97 -1.76 -13.66
N HIS A 447 -2.69 -1.97 -14.96
CA HIS A 447 -3.33 -2.93 -15.83
C HIS A 447 -2.10 -3.65 -16.44
N PHE A 448 -2.31 -4.80 -17.07
CA PHE A 448 -1.18 -5.60 -17.54
C PHE A 448 -1.35 -6.02 -18.97
N HIS A 449 -0.28 -5.93 -19.79
CA HIS A 449 -0.29 -6.31 -21.21
C HIS A 449 0.53 -7.55 -21.48
N GLU A 450 0.12 -8.31 -22.48
CA GLU A 450 0.86 -9.45 -22.98
C GLU A 450 1.55 -8.95 -24.26
N LEU A 451 2.88 -9.02 -24.29
CA LEU A 451 3.74 -8.59 -25.40
C LEU A 451 4.35 -9.83 -26.05
N ILE A 452 4.52 -9.75 -27.36
CA ILE A 452 5.17 -10.83 -28.08
C ILE A 452 6.53 -10.29 -28.42
N MET A 453 7.57 -10.97 -27.99
CA MET A 453 8.94 -10.56 -28.28
C MET A 453 9.29 -10.94 -29.73
N LYS A 454 10.29 -10.22 -30.33
CA LYS A 454 10.83 -10.50 -31.67
C LYS A 454 11.17 -12.00 -31.86
N ASP A 455 11.60 -12.70 -30.76
CA ASP A 455 11.94 -14.14 -30.79
C ASP A 455 10.72 -15.07 -30.58
N GLY A 456 9.51 -14.52 -30.47
CA GLY A 456 8.28 -15.30 -30.29
C GLY A 456 7.84 -15.54 -28.88
N ARG A 457 8.67 -15.18 -27.90
CA ARG A 457 8.33 -15.37 -26.49
C ARG A 457 7.37 -14.29 -26.00
N LYS A 458 6.49 -14.63 -25.07
CA LYS A 458 5.50 -13.70 -24.52
C LYS A 458 5.90 -13.14 -23.17
N LEU A 459 5.70 -11.84 -22.98
CA LEU A 459 5.93 -11.23 -21.68
C LEU A 459 4.60 -10.65 -21.24
N VAL A 460 4.38 -10.58 -19.93
CA VAL A 460 3.23 -9.92 -19.30
C VAL A 460 3.84 -8.79 -18.50
N VAL A 461 3.62 -7.56 -18.98
CA VAL A 461 4.24 -6.33 -18.48
C VAL A 461 3.26 -5.45 -17.71
N PRO A 462 3.73 -4.70 -16.67
CA PRO A 462 2.83 -3.82 -15.93
C PRO A 462 2.66 -2.45 -16.57
N CYS A 463 1.45 -1.90 -16.52
CA CYS A 463 1.25 -0.60 -17.12
C CYS A 463 0.32 0.29 -16.30
N ARG A 464 0.60 1.57 -16.30
CA ARG A 464 -0.22 2.59 -15.66
C ARG A 464 -0.15 3.91 -16.51
N PRO A 465 -1.12 4.87 -16.41
CA PRO A 465 -1.01 6.10 -17.22
C PRO A 465 0.35 6.76 -17.05
N GLN A 466 1.03 7.05 -18.16
CA GLN A 466 2.39 7.58 -18.21
C GLN A 466 2.57 8.88 -17.44
N ASP A 467 1.54 9.74 -17.43
CA ASP A 467 1.55 11.01 -16.69
C ASP A 467 1.84 10.80 -15.20
N GLU A 468 1.31 9.69 -14.63
CA GLU A 468 1.52 9.32 -13.22
C GLU A 468 2.97 8.95 -12.96
N LEU A 469 3.60 8.22 -13.90
CA LEU A 469 5.00 7.79 -13.81
C LEU A 469 5.94 8.96 -13.87
N ILE A 470 5.76 9.83 -14.87
CA ILE A 470 6.55 11.04 -15.07
C ILE A 470 6.30 12.02 -13.90
N GLY A 471 5.03 12.25 -13.54
CA GLY A 471 4.63 13.07 -12.40
C GLY A 471 5.31 12.64 -11.11
N ARG A 472 5.31 11.30 -10.81
CA ARG A 472 5.97 10.76 -9.63
C ARG A 472 7.50 10.95 -9.65
N ALA A 473 8.18 10.64 -10.79
CA ALA A 473 9.63 10.81 -10.97
C ALA A 473 10.11 12.26 -10.85
N ARG A 474 9.24 13.21 -11.13
CA ARG A 474 9.59 14.63 -11.07
C ARG A 474 9.50 15.20 -9.64
N ILE A 475 9.05 14.39 -8.66
CA ILE A 475 8.95 14.78 -7.23
C ILE A 475 10.17 14.27 -6.42
N SER A 476 10.89 15.20 -5.79
CA SER A 476 12.02 14.93 -4.90
C SER A 476 11.47 14.87 -3.46
N GLN A 477 11.86 13.88 -2.67
CA GLN A 477 11.29 13.77 -1.32
C GLN A 477 12.08 14.54 -0.26
N GLY A 478 11.52 15.69 0.11
CA GLY A 478 12.06 16.61 1.10
C GLY A 478 12.78 17.84 0.56
N ALA A 479 13.34 18.64 1.49
CA ALA A 479 14.09 19.85 1.22
C ALA A 479 15.54 19.73 1.71
N GLY A 480 16.41 20.61 1.20
CA GLY A 480 17.83 20.64 1.53
C GLY A 480 18.60 19.51 0.89
N TRP A 481 18.18 19.12 -0.32
CA TRP A 481 18.79 18.03 -1.08
C TRP A 481 19.71 18.54 -2.17
N SER A 482 20.98 18.12 -2.08
CA SER A 482 22.04 18.45 -3.03
C SER A 482 21.78 17.85 -4.42
N LEU A 483 22.53 18.29 -5.43
CA LEU A 483 22.44 17.81 -6.81
C LEU A 483 22.68 16.32 -6.91
N ARG A 484 23.67 15.83 -6.15
CA ARG A 484 24.07 14.43 -6.10
C ARG A 484 22.86 13.56 -5.75
N GLU A 485 22.22 13.85 -4.61
CA GLU A 485 21.06 13.12 -4.07
C GLU A 485 19.86 13.18 -5.01
N THR A 486 19.65 14.33 -5.67
CA THR A 486 18.58 14.60 -6.63
C THR A 486 18.78 13.74 -7.90
N ALA A 487 20.00 13.80 -8.47
CA ALA A 487 20.43 13.06 -9.65
C ALA A 487 20.32 11.57 -9.42
N CYS A 488 20.75 11.10 -8.24
CA CYS A 488 20.71 9.70 -7.85
C CYS A 488 19.29 9.19 -7.71
N LEU A 489 18.36 10.04 -7.20
CA LEU A 489 16.95 9.66 -7.12
C LEU A 489 16.38 9.56 -8.53
N GLY A 490 16.81 10.47 -9.42
CA GLY A 490 16.43 10.47 -10.83
C GLY A 490 16.88 9.20 -11.53
N LYS A 491 18.11 8.73 -11.19
CA LYS A 491 18.71 7.49 -11.71
C LYS A 491 17.88 6.28 -11.21
N ALA A 492 17.47 6.28 -9.92
CA ALA A 492 16.62 5.24 -9.34
C ALA A 492 15.28 5.14 -10.11
N TYR A 493 14.65 6.29 -10.46
CA TYR A 493 13.41 6.32 -11.26
C TYR A 493 13.66 5.86 -12.69
N ALA A 494 14.79 6.31 -13.30
CA ALA A 494 15.14 5.91 -14.67
C ALA A 494 15.38 4.41 -14.74
N GLN A 495 16.01 3.84 -13.69
CA GLN A 495 16.31 2.42 -13.62
C GLN A 495 15.10 1.57 -13.29
N MET A 496 14.12 2.10 -12.49
CA MET A 496 12.84 1.41 -12.23
C MET A 496 12.07 1.25 -13.54
N TRP A 497 12.09 2.29 -14.38
CA TRP A 497 11.44 2.34 -15.69
C TRP A 497 12.04 1.36 -16.69
N SER A 498 13.37 1.19 -16.71
CA SER A 498 14.02 0.25 -17.62
CA SER A 498 14.02 0.25 -17.62
C SER A 498 13.67 -1.17 -17.22
N LEU A 499 13.45 -1.40 -15.92
CA LEU A 499 13.09 -2.73 -15.45
CA LEU A 499 13.07 -2.71 -15.41
C LEU A 499 11.59 -3.02 -15.52
N MET A 500 10.72 -2.08 -15.14
CA MET A 500 9.28 -2.35 -15.16
C MET A 500 8.49 -1.75 -16.31
N TYR A 501 8.90 -0.56 -16.82
CA TYR A 501 8.17 0.19 -17.83
C TYR A 501 8.96 0.48 -19.15
N PHE A 502 9.88 -0.42 -19.52
CA PHE A 502 10.69 -0.40 -20.76
C PHE A 502 9.83 -0.38 -22.01
N HIS A 503 8.63 -0.96 -21.94
CA HIS A 503 7.70 -1.14 -23.06
C HIS A 503 7.01 0.15 -23.45
N ARG A 504 7.31 1.24 -22.72
CA ARG A 504 6.79 2.59 -22.92
C ARG A 504 7.92 3.37 -23.56
N ARG A 505 7.72 3.73 -24.85
CA ARG A 505 8.67 4.44 -25.72
C ARG A 505 9.31 5.65 -25.08
N ASP A 506 8.49 6.59 -24.53
CA ASP A 506 8.89 7.82 -23.87
C ASP A 506 9.72 7.57 -22.65
N LEU A 507 9.35 6.53 -21.87
CA LEU A 507 10.05 6.17 -20.65
C LEU A 507 11.39 5.50 -20.90
N ARG A 508 11.52 4.70 -21.98
CA ARG A 508 12.82 4.11 -22.32
C ARG A 508 13.80 5.24 -22.78
N LEU A 509 13.31 6.18 -23.60
CA LEU A 509 14.10 7.33 -24.05
C LEU A 509 14.54 8.17 -22.85
N ALA A 510 13.56 8.65 -22.03
CA ALA A 510 13.81 9.46 -20.83
C ALA A 510 14.76 8.74 -19.86
N SER A 511 14.56 7.44 -19.66
CA SER A 511 15.40 6.64 -18.79
C SER A 511 16.86 6.64 -19.27
N ASN A 512 17.08 6.42 -20.59
CA ASN A 512 18.39 6.46 -21.24
C ASN A 512 18.99 7.84 -21.10
N ALA A 513 18.16 8.88 -21.30
CA ALA A 513 18.58 10.27 -21.16
C ALA A 513 19.07 10.56 -19.74
N ILE A 514 18.33 10.09 -18.69
CA ILE A 514 18.72 10.30 -17.26
C ILE A 514 20.03 9.56 -16.92
N CYS A 515 20.19 8.33 -17.43
CA CYS A 515 21.38 7.51 -17.17
C CYS A 515 22.61 8.00 -17.90
N SER A 516 22.41 8.81 -18.93
CA SER A 516 23.46 9.48 -19.70
C SER A 516 23.89 10.78 -19.00
N ALA A 517 22.95 11.48 -18.33
CA ALA A 517 23.19 12.74 -17.62
C ALA A 517 23.78 12.55 -16.21
N VAL A 518 23.51 11.39 -15.56
CA VAL A 518 23.96 11.07 -14.19
C VAL A 518 25.24 10.21 -14.25
N PRO A 519 26.32 10.56 -13.51
CA PRO A 519 27.56 9.73 -13.57
C PRO A 519 27.32 8.24 -13.31
N VAL A 520 27.87 7.38 -14.20
CA VAL A 520 27.77 5.91 -14.14
C VAL A 520 28.06 5.31 -12.77
N HIS A 521 29.06 5.83 -12.03
CA HIS A 521 29.43 5.20 -10.76
C HIS A 521 28.64 5.72 -9.57
N TRP A 522 27.71 6.67 -9.79
CA TRP A 522 26.85 7.15 -8.71
C TRP A 522 25.76 6.11 -8.50
N VAL A 523 25.50 5.81 -7.24
CA VAL A 523 24.56 4.79 -6.79
C VAL A 523 23.15 5.38 -6.62
N PRO A 524 22.09 4.78 -7.21
CA PRO A 524 20.72 5.27 -6.97
C PRO A 524 20.39 5.34 -5.46
N THR A 525 19.93 6.54 -5.01
CA THR A 525 19.60 6.80 -3.61
C THR A 525 18.10 6.97 -3.41
N SER A 526 17.67 6.95 -2.12
CA SER A 526 16.29 7.07 -1.66
C SER A 526 15.41 5.99 -2.32
N ARG A 527 14.09 6.07 -2.19
CA ARG A 527 13.25 5.05 -2.81
C ARG A 527 12.35 5.67 -3.84
N THR A 528 11.97 4.89 -4.85
CA THR A 528 11.10 5.37 -5.91
C THR A 528 9.65 5.18 -5.51
N THR A 529 9.43 4.22 -4.58
CA THR A 529 8.11 3.80 -4.12
C THR A 529 8.16 3.16 -2.72
N TRP A 530 7.02 3.12 -2.04
CA TRP A 530 6.86 2.48 -0.74
C TRP A 530 6.02 1.21 -0.89
N SER A 531 5.59 0.89 -2.12
CA SER A 531 4.74 -0.27 -2.41
C SER A 531 5.32 -1.59 -1.92
N ILE A 532 4.46 -2.46 -1.34
CA ILE A 532 4.87 -3.79 -0.90
C ILE A 532 5.23 -4.67 -2.09
N HIS A 533 4.80 -4.28 -3.30
CA HIS A 533 5.07 -4.99 -4.53
C HIS A 533 6.41 -4.57 -5.19
N ALA A 534 7.11 -3.59 -4.60
CA ALA A 534 8.39 -3.12 -5.10
C ALA A 534 9.52 -3.94 -4.47
N HIS A 535 10.42 -4.50 -5.30
CA HIS A 535 11.55 -5.28 -4.76
C HIS A 535 12.85 -4.55 -4.93
N HIS A 536 12.82 -3.39 -5.61
CA HIS A 536 13.90 -2.41 -5.79
C HIS A 536 15.18 -2.97 -6.43
N GLN A 537 15.05 -3.78 -7.47
CA GLN A 537 16.19 -4.34 -8.21
C GLN A 537 16.93 -3.27 -9.07
N TRP A 538 16.34 -2.07 -9.21
CA TRP A 538 16.88 -0.92 -9.93
C TRP A 538 17.84 -0.11 -9.04
N MET A 539 17.91 -0.48 -7.75
CA MET A 539 18.77 0.16 -6.77
C MET A 539 20.13 -0.57 -6.85
N THR A 540 20.92 -0.22 -7.89
CA THR A 540 22.22 -0.82 -8.22
C THR A 540 22.97 -0.02 -9.30
N THR A 541 24.25 -0.34 -9.49
CA THR A 541 25.08 0.27 -10.55
C THR A 541 25.37 -0.81 -11.61
N GLU A 542 24.83 -2.03 -11.34
CA GLU A 542 24.91 -3.18 -12.22
C GLU A 542 24.21 -2.78 -13.52
N ASP A 543 24.57 -3.45 -14.63
CA ASP A 543 23.97 -3.19 -15.94
C ASP A 543 22.45 -3.50 -15.89
N MET A 544 21.61 -2.56 -16.39
CA MET A 544 20.15 -2.75 -16.36
C MET A 544 19.68 -3.88 -17.24
N LEU A 545 20.33 -4.12 -18.39
CA LEU A 545 19.99 -5.23 -19.29
C LEU A 545 20.22 -6.60 -18.63
N THR A 546 21.22 -6.66 -17.73
CA THR A 546 21.59 -7.83 -16.92
C THR A 546 20.50 -8.05 -15.86
N VAL A 547 20.11 -6.97 -15.17
CA VAL A 547 19.01 -7.02 -14.20
C VAL A 547 17.69 -7.43 -14.90
N TRP A 548 17.40 -6.83 -16.10
CA TRP A 548 16.23 -7.15 -16.93
C TRP A 548 16.14 -8.65 -17.17
N ASN A 549 17.23 -9.30 -17.67
CA ASN A 549 17.34 -10.74 -17.92
C ASN A 549 17.12 -11.59 -16.68
N ARG A 550 17.69 -11.15 -15.57
CA ARG A 550 17.49 -11.83 -14.31
C ARG A 550 15.98 -11.85 -13.91
N VAL A 551 15.31 -10.70 -13.93
CA VAL A 551 13.88 -10.56 -13.55
C VAL A 551 12.90 -11.22 -14.55
N TRP A 552 13.03 -10.85 -15.85
CA TRP A 552 12.09 -11.25 -16.89
C TRP A 552 12.32 -12.60 -17.52
N ILE A 553 13.58 -13.11 -17.48
CA ILE A 553 13.93 -14.40 -18.06
C ILE A 553 14.27 -15.42 -16.96
N GLU A 554 15.43 -15.23 -16.28
CA GLU A 554 15.99 -16.14 -15.27
C GLU A 554 15.03 -16.50 -14.16
N GLU A 555 14.70 -15.52 -13.34
CA GLU A 555 13.85 -15.68 -12.17
C GLU A 555 12.38 -15.86 -12.52
N ASN A 556 11.92 -15.42 -13.72
CA ASN A 556 10.53 -15.53 -14.18
C ASN A 556 10.00 -16.95 -14.30
N PRO A 557 9.12 -17.43 -13.38
CA PRO A 557 8.59 -18.80 -13.51
C PRO A 557 7.71 -19.04 -14.73
N TRP A 558 7.19 -17.97 -15.35
CA TRP A 558 6.34 -18.13 -16.52
C TRP A 558 7.11 -18.01 -17.87
N MET A 559 8.46 -17.98 -17.81
CA MET A 559 9.36 -17.89 -18.95
C MET A 559 10.12 -19.22 -19.03
N GLU A 560 9.57 -20.20 -19.77
CA GLU A 560 10.16 -21.55 -19.93
C GLU A 560 11.52 -21.48 -20.65
N ASP A 561 11.60 -20.71 -21.75
CA ASP A 561 12.83 -20.53 -22.49
C ASP A 561 13.69 -19.49 -21.78
N LYS A 562 14.84 -19.97 -21.23
CA LYS A 562 15.73 -19.12 -20.48
C LYS A 562 16.80 -18.40 -21.31
N THR A 563 16.66 -18.37 -22.65
CA THR A 563 17.59 -17.67 -23.53
C THR A 563 17.69 -16.18 -23.17
N PRO A 564 18.89 -15.66 -22.89
CA PRO A 564 19.01 -14.23 -22.59
C PRO A 564 18.72 -13.35 -23.79
N VAL A 565 18.34 -12.11 -23.49
CA VAL A 565 18.15 -11.08 -24.48
C VAL A 565 19.48 -10.33 -24.39
N THR A 566 20.18 -10.18 -25.51
CA THR A 566 21.52 -9.62 -25.50
C THR A 566 21.57 -8.13 -25.80
N THR A 567 20.52 -7.62 -26.45
CA THR A 567 20.41 -6.21 -26.83
C THR A 567 19.04 -5.62 -26.41
N TRP A 568 19.01 -4.32 -26.07
CA TRP A 568 17.78 -3.61 -25.72
C TRP A 568 16.85 -3.49 -26.92
N GLU A 569 17.40 -3.69 -28.13
CA GLU A 569 16.65 -3.65 -29.37
C GLU A 569 15.78 -4.91 -29.51
N ASN A 570 16.09 -5.94 -28.69
CA ASN A 570 15.34 -7.19 -28.56
C ASN A 570 14.40 -7.14 -27.32
N VAL A 571 14.41 -6.03 -26.55
CA VAL A 571 13.51 -5.81 -25.40
C VAL A 571 12.32 -5.04 -26.00
N PRO A 572 11.10 -5.62 -25.91
CA PRO A 572 9.97 -5.05 -26.66
C PRO A 572 9.26 -3.85 -26.04
N TYR A 573 8.44 -3.26 -26.90
CA TYR A 573 7.59 -2.14 -26.65
C TYR A 573 6.15 -2.57 -26.81
N LEU A 574 5.22 -1.79 -26.20
CA LEU A 574 3.81 -1.95 -26.44
C LEU A 574 3.65 -1.55 -27.92
N GLY A 575 2.55 -1.95 -28.54
CA GLY A 575 2.27 -1.48 -29.88
C GLY A 575 1.98 0.00 -29.76
N LYS A 576 2.37 0.81 -30.78
CA LYS A 576 2.21 2.28 -30.83
C LYS A 576 0.87 2.79 -30.30
N ARG A 577 -0.23 2.12 -30.72
CA ARG A 577 -1.62 2.41 -30.37
C ARG A 577 -1.88 2.21 -28.88
N GLU A 578 -1.39 1.10 -28.28
CA GLU A 578 -1.52 0.83 -26.83
C GLU A 578 -0.68 1.83 -26.04
N ASP A 579 0.51 2.16 -26.58
CA ASP A 579 1.39 3.15 -25.98
C ASP A 579 0.65 4.49 -25.94
N GLN A 580 0.00 4.87 -27.06
CA GLN A 580 -0.78 6.11 -27.15
C GLN A 580 -1.99 6.07 -26.24
N TRP A 581 -2.74 4.94 -26.22
CA TRP A 581 -3.88 4.74 -25.33
C TRP A 581 -3.52 4.95 -23.85
N CYS A 582 -2.28 4.58 -23.44
CA CYS A 582 -1.80 4.67 -22.05
C CYS A 582 -0.97 5.91 -21.72
N GLY A 583 -1.08 6.95 -22.54
CA GLY A 583 -0.47 8.24 -22.23
C GLY A 583 0.70 8.76 -23.03
N SER A 584 1.25 7.95 -23.97
CA SER A 584 2.41 8.32 -24.79
C SER A 584 2.25 9.62 -25.61
N LEU A 585 3.34 10.38 -25.71
CA LEU A 585 3.36 11.56 -26.57
C LEU A 585 3.93 11.22 -27.97
N ILE A 586 4.11 9.91 -28.28
CA ILE A 586 4.62 9.47 -29.59
C ILE A 586 3.63 9.88 -30.67
N GLY A 587 4.16 10.46 -31.75
CA GLY A 587 3.36 10.99 -32.86
C GLY A 587 3.16 12.49 -32.74
N LEU A 588 3.53 13.08 -31.59
CA LEU A 588 3.42 14.52 -31.36
C LEU A 588 4.74 15.20 -31.73
N THR A 589 4.64 16.41 -32.29
CA THR A 589 5.75 17.23 -32.74
C THR A 589 6.70 17.62 -31.59
N SER A 590 6.12 17.99 -30.43
CA SER A 590 6.85 18.38 -29.23
C SER A 590 7.73 17.24 -28.73
N ARG A 591 7.22 16.01 -28.87
CA ARG A 591 7.93 14.81 -28.48
C ARG A 591 9.10 14.55 -29.47
N ALA A 592 8.85 14.75 -30.79
CA ALA A 592 9.87 14.58 -31.84
C ALA A 592 10.98 15.62 -31.66
N THR A 593 10.61 16.89 -31.33
CA THR A 593 11.51 18.00 -31.02
C THR A 593 12.35 17.65 -29.78
N TRP A 594 11.72 17.08 -28.73
CA TRP A 594 12.37 16.63 -27.50
C TRP A 594 13.38 15.52 -27.79
N ALA A 595 12.96 14.44 -28.50
CA ALA A 595 13.81 13.31 -28.85
C ALA A 595 15.05 13.79 -29.66
N GLN A 596 14.83 14.75 -30.60
CA GLN A 596 15.86 15.39 -31.44
C GLN A 596 16.92 16.14 -30.58
N ASN A 597 16.44 17.02 -29.69
CA ASN A 597 17.23 17.90 -28.86
C ASN A 597 17.67 17.31 -27.52
N ILE A 598 17.33 16.03 -27.22
CA ILE A 598 17.67 15.41 -25.93
C ILE A 598 19.22 15.37 -25.65
N PRO A 599 20.18 15.22 -26.62
CA PRO A 599 21.60 15.27 -26.22
C PRO A 599 22.02 16.61 -25.63
N THR A 600 21.36 17.71 -26.06
CA THR A 600 21.61 19.08 -25.58
C THR A 600 21.26 19.19 -24.10
N ALA A 601 20.08 18.66 -23.70
CA ALA A 601 19.60 18.67 -22.31
C ALA A 601 20.51 17.80 -21.44
N ILE A 602 20.94 16.62 -21.96
CA ILE A 602 21.87 15.70 -21.28
C ILE A 602 23.16 16.43 -20.93
N GLN A 603 23.75 17.14 -21.93
CA GLN A 603 25.00 17.89 -21.77
C GLN A 603 24.88 19.03 -20.76
N GLN A 604 23.71 19.67 -20.66
CA GLN A 604 23.51 20.73 -19.67
C GLN A 604 23.50 20.18 -18.23
N VAL A 605 22.94 18.97 -18.03
CA VAL A 605 22.90 18.33 -16.71
C VAL A 605 24.35 17.90 -16.36
N ARG A 606 25.05 17.29 -17.34
CA ARG A 606 26.45 16.86 -17.28
C ARG A 606 27.34 18.04 -16.88
N SER A 607 27.19 19.20 -17.57
CA SER A 607 28.00 20.39 -17.30
C SER A 607 27.72 21.00 -15.92
N LEU A 608 26.49 20.80 -15.40
CA LEU A 608 26.10 21.32 -14.09
C LEU A 608 26.53 20.42 -12.95
N ILE A 609 26.47 19.08 -13.14
CA ILE A 609 26.95 18.07 -12.19
C ILE A 609 28.49 18.20 -12.08
N GLY A 610 29.15 18.41 -13.21
CA GLY A 610 30.59 18.59 -13.23
C GLY A 610 31.37 17.61 -14.06
N ASN A 611 32.63 17.38 -13.66
CA ASN A 611 33.56 16.48 -14.34
C ASN A 611 33.67 15.14 -13.62
N GLU A 612 32.94 14.15 -14.16
CA GLU A 612 32.86 12.79 -13.66
C GLU A 612 32.81 11.88 -14.89
N GLU A 613 32.67 10.57 -14.67
CA GLU A 613 32.57 9.60 -15.74
C GLU A 613 31.09 9.46 -16.16
N PHE A 614 30.78 9.71 -17.45
CA PHE A 614 29.43 9.62 -17.99
C PHE A 614 29.39 8.63 -19.14
N LEU A 615 28.24 8.03 -19.41
CA LEU A 615 28.06 7.07 -20.51
C LEU A 615 26.88 7.46 -21.43
N ASP A 616 27.07 7.32 -22.76
CA ASP A 616 26.04 7.61 -23.74
C ASP A 616 25.19 6.37 -23.98
N TYR A 617 23.89 6.48 -23.64
CA TYR A 617 22.92 5.39 -23.76
C TYR A 617 22.01 5.57 -24.96
N MET A 618 22.00 6.76 -25.56
CA MET A 618 21.17 7.05 -26.73
C MET A 618 21.74 6.35 -27.98
#